data_5M0T
#
_entry.id   5M0T
#
_cell.length_a   40.250
_cell.length_b   100.170
_cell.length_c   148.880
_cell.angle_alpha   90.000
_cell.angle_beta   90.000
_cell.angle_gamma   90.000
#
_symmetry.space_group_name_H-M   'P 21 21 21'
#
loop_
_entity.id
_entity.type
_entity.pdbx_description
1 polymer 'Alpha-ketoglutarate-dependent non-heme iron oxygenase EasH'
2 non-polymer 'FE (II) ION'
3 non-polymer '2-OXOGLUTARIC ACID'
4 non-polymer 'ZINC ION'
5 water water
#
_entity_poly.entity_id   1
_entity_poly.type   'polypeptide(L)'
_entity_poly.pdbx_seq_one_letter_code
;GPTITETSKPTLRRIPRSAGDEAIFQVLQEDGVVVIEGFMSADQVRRFNGEIDPHMKQWELGQKSYQESYLAGMRQLSSL
PLFSKLFRDELMNDELLHGLCKRLFGPESGDYWLTTSSVLETEPGYHGQELHREHDGIPICTTLGRQSPESMLNFLTALT
DFTAENGATRVLPGSHLWEDFSAPPPKADTAIPAVMNPGDAVLFTGKTLHGAGKNNTTDFLRRGFPLIMQSCQFTPVEAS
VALPRELVETMTPLAQKMVGWRTVSAKGVDIWTYDLKDLATGIDLKSNQVAKKA
;
_entity_poly.pdbx_strand_id   A,B
#
# COMPACT_ATOMS: atom_id res chain seq x y z
N SER A 8 -9.96 11.06 32.42
CA SER A 8 -11.14 10.23 32.84
C SER A 8 -10.75 8.74 32.92
N LYS A 9 -10.85 8.16 34.13
CA LYS A 9 -10.40 6.77 34.40
C LYS A 9 -11.38 5.73 33.84
N PRO A 10 -11.11 5.17 32.66
CA PRO A 10 -12.14 4.43 31.92
C PRO A 10 -12.10 2.91 32.15
N THR A 11 -13.03 2.20 31.50
CA THR A 11 -13.24 0.75 31.66
C THR A 11 -13.13 0.07 30.31
N LEU A 12 -12.71 -1.19 30.33
CA LEU A 12 -12.67 -2.00 29.13
C LEU A 12 -13.98 -2.77 29.10
N ARG A 13 -14.72 -2.62 28.00
CA ARG A 13 -16.04 -3.24 27.89
C ARG A 13 -15.92 -4.54 27.14
N ARG A 14 -16.89 -5.38 27.40
CA ARG A 14 -16.92 -6.78 26.99
C ARG A 14 -18.29 -7.04 26.37
N ILE A 15 -18.32 -7.70 25.22
CA ILE A 15 -19.58 -7.87 24.47
C ILE A 15 -19.52 -9.20 23.70
N PRO A 16 -20.61 -9.98 23.74
CA PRO A 16 -20.58 -11.27 23.02
C PRO A 16 -20.60 -11.13 21.51
N ARG A 17 -19.95 -12.07 20.82
CA ARG A 17 -19.94 -12.15 19.35
C ARG A 17 -21.36 -12.10 18.74
N SER A 18 -22.32 -12.71 19.42
CA SER A 18 -23.70 -12.76 18.98
C SER A 18 -24.45 -11.40 18.96
N ALA A 19 -23.88 -10.38 19.62
CA ALA A 19 -24.48 -9.04 19.64
C ALA A 19 -24.43 -8.37 18.26
N GLY A 20 -23.48 -8.80 17.43
CA GLY A 20 -23.44 -8.39 16.04
C GLY A 20 -22.51 -7.20 15.87
N ASP A 21 -22.27 -6.84 14.61
CA ASP A 21 -21.29 -5.83 14.26
C ASP A 21 -21.68 -4.39 14.63
N GLU A 22 -22.97 -4.05 14.55
CA GLU A 22 -23.43 -2.70 14.90
C GLU A 22 -23.11 -2.37 16.37
N ALA A 23 -23.50 -3.28 17.27
CA ALA A 23 -23.29 -3.09 18.69
C ALA A 23 -21.81 -3.09 19.03
N ILE A 24 -21.03 -3.95 18.40
CA ILE A 24 -19.59 -4.02 18.63
C ILE A 24 -18.90 -2.76 18.08
N PHE A 25 -19.33 -2.32 16.89
CA PHE A 25 -18.77 -1.13 16.29
C PHE A 25 -19.00 0.12 17.12
N GLN A 26 -20.14 0.19 17.80
CA GLN A 26 -20.47 1.35 18.64
C GLN A 26 -19.50 1.49 19.83
N VAL A 27 -19.25 0.39 20.54
CA VAL A 27 -18.28 0.42 21.64
C VAL A 27 -16.87 0.77 21.13
N LEU A 28 -16.52 0.26 19.94
CA LEU A 28 -15.25 0.56 19.30
C LEU A 28 -15.09 2.06 19.00
N GLN A 29 -16.12 2.71 18.48
CA GLN A 29 -16.12 4.16 18.28
C GLN A 29 -15.97 4.96 19.57
N GLU A 30 -16.71 4.55 20.59
CA GLU A 30 -16.72 5.26 21.87
C GLU A 30 -15.42 5.04 22.68
N ASP A 31 -14.91 3.81 22.69
CA ASP A 31 -13.81 3.39 23.58
C ASP A 31 -12.48 3.09 22.87
N GLY A 32 -12.52 2.83 21.57
CA GLY A 32 -11.34 2.45 20.79
C GLY A 32 -10.90 1.01 20.95
N VAL A 33 -11.60 0.26 21.80
CA VAL A 33 -11.23 -1.08 22.15
C VAL A 33 -12.42 -1.75 22.81
N VAL A 34 -12.68 -3.01 22.47
CA VAL A 34 -13.73 -3.81 23.09
C VAL A 34 -13.32 -5.28 23.09
N VAL A 35 -13.70 -6.02 24.13
CA VAL A 35 -13.51 -7.49 24.15
C VAL A 35 -14.72 -8.18 23.50
N ILE A 36 -14.46 -8.96 22.46
CA ILE A 36 -15.47 -9.82 21.83
C ILE A 36 -15.39 -11.19 22.47
N GLU A 37 -16.41 -11.55 23.25
CA GLU A 37 -16.51 -12.88 23.83
C GLU A 37 -16.88 -13.86 22.74
N GLY A 38 -16.06 -14.91 22.62
CA GLY A 38 -16.31 -15.99 21.68
C GLY A 38 -16.14 -15.58 20.24
N PHE A 39 -15.13 -14.77 19.95
CA PHE A 39 -14.83 -14.40 18.57
C PHE A 39 -14.56 -15.67 17.75
N MET A 40 -13.71 -16.54 18.29
CA MET A 40 -13.52 -17.90 17.80
C MET A 40 -14.06 -18.85 18.84
N SER A 41 -14.64 -19.96 18.39
CA SER A 41 -15.08 -21.02 19.30
C SER A 41 -13.89 -21.81 19.86
N ALA A 42 -14.16 -22.58 20.91
CA ALA A 42 -13.16 -23.47 21.50
C ALA A 42 -12.61 -24.46 20.48
N ASP A 43 -13.50 -24.99 19.64
CA ASP A 43 -13.11 -25.96 18.59
C ASP A 43 -12.21 -25.35 17.53
N GLN A 44 -12.49 -24.11 17.14
CA GLN A 44 -11.62 -23.38 16.24
C GLN A 44 -10.22 -23.13 16.84
N VAL A 45 -10.17 -22.75 18.10
CA VAL A 45 -8.90 -22.49 18.78
C VAL A 45 -8.04 -23.76 18.81
N ARG A 46 -8.65 -24.89 19.20
CA ARG A 46 -7.98 -26.19 19.19
C ARG A 46 -7.40 -26.54 17.80
N ARG A 47 -8.23 -26.43 16.77
CA ARG A 47 -7.78 -26.75 15.40
C ARG A 47 -6.73 -25.77 14.87
N PHE A 48 -6.91 -24.47 15.13
CA PHE A 48 -5.92 -23.48 14.74
C PHE A 48 -4.57 -23.75 15.42
N ASN A 49 -4.60 -23.96 16.74
CA ASN A 49 -3.39 -24.35 17.50
C ASN A 49 -2.72 -25.60 16.92
N GLY A 50 -3.50 -26.63 16.60
CA GLY A 50 -2.98 -27.84 15.94
C GLY A 50 -2.19 -27.54 14.68
N GLU A 51 -2.75 -26.70 13.80
CA GLU A 51 -2.10 -26.27 12.56
C GLU A 51 -0.83 -25.43 12.80
N ILE A 52 -0.87 -24.56 13.80
CA ILE A 52 0.21 -23.60 14.08
C ILE A 52 1.45 -24.22 14.75
N ASP A 53 1.22 -25.11 15.73
CA ASP A 53 2.29 -25.63 16.61
C ASP A 53 3.66 -25.87 15.93
N PRO A 54 3.71 -26.72 14.88
CA PRO A 54 5.02 -27.12 14.35
C PRO A 54 5.86 -26.05 13.60
N HIS A 55 5.33 -24.85 13.34
CA HIS A 55 6.10 -23.81 12.60
C HIS A 55 6.68 -22.67 13.46
N MET A 56 6.43 -22.68 14.78
CA MET A 56 6.83 -21.54 15.65
C MET A 56 8.34 -21.46 15.88
N LYS A 57 8.87 -20.24 16.03
CA LYS A 57 10.27 -20.00 16.42
C LYS A 57 10.53 -18.58 16.96
N GLN A 58 11.75 -18.37 17.45
CA GLN A 58 12.18 -17.09 18.02
C GLN A 58 12.35 -16.02 16.93
N TRP A 59 12.08 -14.76 17.29
CA TRP A 59 12.37 -13.61 16.39
C TRP A 59 13.89 -13.46 16.19
N GLU A 60 14.33 -13.47 14.93
CA GLU A 60 15.75 -13.29 14.58
C GLU A 60 16.16 -11.83 14.64
N LEU A 61 17.07 -11.50 15.55
CA LEU A 61 17.65 -10.16 15.65
C LEU A 61 18.57 -9.84 14.44
N GLY A 62 18.84 -8.55 14.25
CA GLY A 62 19.67 -8.04 13.16
C GLY A 62 18.93 -7.39 12.02
N GLN A 63 17.62 -7.10 12.20
CA GLN A 63 16.75 -6.53 11.15
C GLN A 63 16.79 -5.00 11.05
N LYS A 64 17.06 -4.31 12.18
CA LYS A 64 17.19 -2.83 12.22
C LYS A 64 15.92 -2.11 11.74
N SER A 65 14.76 -2.60 12.18
CA SER A 65 13.44 -2.11 11.73
C SER A 65 12.52 -1.73 12.91
N TYR A 66 11.38 -1.12 12.56
CA TYR A 66 10.30 -0.83 13.52
C TYR A 66 9.74 -2.14 14.11
N GLN A 67 9.56 -3.15 13.26
CA GLN A 67 9.13 -4.49 13.67
C GLN A 67 10.00 -5.01 14.83
N GLU A 68 11.31 -5.00 14.62
CA GLU A 68 12.25 -5.50 15.63
C GLU A 68 12.20 -4.80 17.00
N SER A 69 11.93 -3.49 17.02
N SER A 69 11.93 -3.49 17.02
CA SER A 69 11.89 -2.72 18.28
CA SER A 69 11.88 -2.71 18.27
C SER A 69 10.77 -3.21 19.24
C SER A 69 10.77 -3.19 19.23
N TYR A 70 9.62 -3.57 18.67
CA TYR A 70 8.47 -4.12 19.45
C TYR A 70 8.40 -5.67 19.58
N LEU A 71 9.01 -6.40 18.63
CA LEU A 71 8.91 -7.89 18.57
C LEU A 71 10.13 -8.71 19.07
N ALA A 72 11.19 -8.06 19.53
CA ALA A 72 12.33 -8.77 20.15
C ALA A 72 11.86 -9.44 21.46
N GLY A 73 12.36 -10.65 21.71
CA GLY A 73 11.99 -11.45 22.90
C GLY A 73 10.74 -12.32 22.78
N MET A 74 9.96 -12.14 21.71
CA MET A 74 8.74 -12.92 21.49
C MET A 74 9.03 -14.10 20.58
N ARG A 75 8.23 -15.16 20.74
CA ARG A 75 8.08 -16.18 19.71
C ARG A 75 7.01 -15.67 18.74
N GLN A 76 7.30 -15.68 17.43
CA GLN A 76 6.34 -15.23 16.44
C GLN A 76 6.37 -16.05 15.15
N LEU A 77 5.19 -16.23 14.57
CA LEU A 77 5.01 -16.75 13.22
C LEU A 77 4.05 -15.81 12.51
N SER A 78 4.38 -15.38 11.30
CA SER A 78 3.54 -14.52 10.50
C SER A 78 3.32 -15.13 9.10
N SER A 79 2.76 -14.39 8.15
CA SER A 79 2.35 -14.95 6.86
C SER A 79 1.56 -16.27 7.05
N LEU A 80 0.53 -16.19 7.88
CA LEU A 80 -0.29 -17.33 8.32
C LEU A 80 -1.26 -17.87 7.26
N PRO A 81 -1.53 -17.13 6.17
CA PRO A 81 -2.17 -17.83 5.05
C PRO A 81 -1.37 -19.01 4.50
N LEU A 82 -0.04 -18.96 4.64
CA LEU A 82 0.83 -20.03 4.16
C LEU A 82 0.77 -21.29 5.02
N PHE A 83 0.37 -21.16 6.29
CA PHE A 83 0.47 -22.23 7.28
C PHE A 83 -0.86 -22.75 7.84
N SER A 84 -1.98 -22.06 7.57
CA SER A 84 -3.27 -22.38 8.20
C SER A 84 -4.47 -22.34 7.25
N LYS A 85 -5.06 -23.51 7.02
CA LYS A 85 -6.29 -23.66 6.25
C LYS A 85 -7.44 -22.94 6.93
N LEU A 86 -7.50 -23.06 8.27
CA LEU A 86 -8.51 -22.38 9.07
C LEU A 86 -8.42 -20.85 8.91
N PHE A 87 -7.21 -20.31 8.79
CA PHE A 87 -7.03 -18.88 8.52
C PHE A 87 -7.60 -18.52 7.14
N ARG A 88 -7.11 -19.22 6.12
CA ARG A 88 -7.52 -19.01 4.75
C ARG A 88 -9.03 -19.09 4.52
N ASP A 89 -9.69 -20.10 5.10
CA ASP A 89 -11.10 -20.44 4.80
C ASP A 89 -12.13 -19.93 5.81
N GLU A 90 -11.82 -19.99 7.10
CA GLU A 90 -12.77 -19.62 8.16
C GLU A 90 -12.62 -18.15 8.54
N LEU A 91 -11.42 -17.73 8.92
CA LEU A 91 -11.20 -16.35 9.38
C LEU A 91 -11.29 -15.29 8.27
N MET A 92 -10.71 -15.56 7.11
CA MET A 92 -10.77 -14.62 6.00
C MET A 92 -12.15 -14.52 5.34
N ASN A 93 -13.11 -15.39 5.71
CA ASN A 93 -14.50 -15.26 5.30
C ASN A 93 -15.47 -14.96 6.44
N ASP A 94 -14.96 -14.62 7.62
CA ASP A 94 -15.81 -14.41 8.78
C ASP A 94 -16.69 -13.16 8.63
N GLU A 95 -18.01 -13.36 8.67
CA GLU A 95 -18.98 -12.27 8.54
C GLU A 95 -18.84 -11.16 9.57
N LEU A 96 -18.51 -11.49 10.81
CA LEU A 96 -18.31 -10.45 11.82
C LEU A 96 -17.07 -9.59 11.51
N LEU A 97 -15.96 -10.23 11.15
CA LEU A 97 -14.76 -9.50 10.77
C LEU A 97 -15.05 -8.53 9.63
N HIS A 98 -15.72 -9.01 8.60
CA HIS A 98 -16.01 -8.19 7.44
C HIS A 98 -17.03 -7.08 7.72
N GLY A 99 -18.01 -7.33 8.57
CA GLY A 99 -18.97 -6.30 8.96
C GLY A 99 -18.30 -5.12 9.65
N LEU A 100 -17.38 -5.42 10.57
CA LEU A 100 -16.63 -4.41 11.31
C LEU A 100 -15.66 -3.63 10.42
N CYS A 101 -14.96 -4.34 9.52
CA CYS A 101 -14.06 -3.69 8.58
C CYS A 101 -14.80 -2.76 7.61
N LYS A 102 -15.96 -3.19 7.11
CA LYS A 102 -16.77 -2.34 6.23
C LYS A 102 -17.17 -1.05 6.92
N ARG A 103 -17.53 -1.13 8.20
CA ARG A 103 -17.89 0.06 8.96
C ARG A 103 -16.71 0.97 9.29
N LEU A 104 -15.57 0.39 9.67
CA LEU A 104 -14.40 1.21 10.00
C LEU A 104 -13.81 1.88 8.76
N PHE A 105 -13.62 1.10 7.71
CA PHE A 105 -12.88 1.55 6.53
C PHE A 105 -13.73 2.12 5.40
N GLY A 106 -14.99 1.74 5.32
CA GLY A 106 -15.85 2.21 4.24
C GLY A 106 -15.92 3.72 4.07
N PRO A 107 -16.06 4.49 5.17
CA PRO A 107 -16.24 5.94 5.01
C PRO A 107 -15.07 6.71 4.36
N GLU A 108 -13.85 6.51 4.85
CA GLU A 108 -12.69 7.25 4.38
C GLU A 108 -11.87 6.51 3.33
N SER A 109 -11.85 5.18 3.36
CA SER A 109 -11.01 4.38 2.43
C SER A 109 -11.71 3.56 1.35
N GLY A 110 -12.91 3.03 1.63
CA GLY A 110 -13.56 2.03 0.76
C GLY A 110 -13.13 0.64 1.20
N ASP A 111 -12.39 -0.05 0.35
CA ASP A 111 -11.95 -1.43 0.64
C ASP A 111 -10.79 -1.52 1.67
N TYR A 112 -10.54 -2.76 2.10
CA TYR A 112 -9.58 -3.10 3.12
C TYR A 112 -9.01 -4.46 2.78
N TRP A 113 -7.92 -4.81 3.45
CA TRP A 113 -7.29 -6.12 3.30
C TRP A 113 -6.32 -6.41 4.47
N LEU A 114 -5.77 -7.61 4.50
CA LEU A 114 -4.86 -8.02 5.57
C LEU A 114 -3.53 -7.31 5.43
N THR A 115 -3.04 -6.72 6.51
CA THR A 115 -1.68 -6.16 6.53
C THR A 115 -0.71 -7.15 7.20
N THR A 116 -1.10 -7.70 8.34
CA THR A 116 -0.28 -8.68 9.06
C THR A 116 -1.10 -9.51 10.01
N SER A 117 -0.70 -10.76 10.20
CA SER A 117 -1.27 -11.59 11.23
C SER A 117 -0.16 -12.47 11.77
N SER A 118 -0.15 -12.65 13.09
CA SER A 118 0.89 -13.42 13.75
C SER A 118 0.31 -14.23 14.88
N VAL A 119 1.00 -15.29 15.23
CA VAL A 119 0.84 -15.91 16.53
C VAL A 119 2.01 -15.41 17.37
N LEU A 120 1.70 -14.85 18.54
CA LEU A 120 2.71 -14.28 19.43
C LEU A 120 2.67 -14.95 20.80
N GLU A 121 3.68 -15.76 21.09
CA GLU A 121 3.78 -16.52 22.34
C GLU A 121 4.86 -15.88 23.28
N THR A 122 4.45 -15.44 24.46
CA THR A 122 5.39 -14.84 25.42
C THR A 122 5.74 -15.88 26.48
N GLU A 123 7.03 -16.06 26.72
CA GLU A 123 7.53 -17.03 27.69
C GLU A 123 7.48 -16.48 29.12
N PRO A 124 7.60 -17.35 30.13
CA PRO A 124 7.78 -16.87 31.50
C PRO A 124 8.96 -15.90 31.63
N GLY A 125 8.73 -14.78 32.31
CA GLY A 125 9.75 -13.74 32.47
C GLY A 125 9.73 -12.62 31.42
N TYR A 126 8.95 -12.78 30.34
CA TYR A 126 8.90 -11.78 29.26
C TYR A 126 8.44 -10.45 29.85
N HIS A 127 9.19 -9.40 29.56
CA HIS A 127 9.07 -8.13 30.29
C HIS A 127 7.89 -7.24 29.84
N GLY A 128 7.36 -7.50 28.65
CA GLY A 128 6.20 -6.75 28.12
C GLY A 128 6.63 -5.72 27.10
N GLN A 129 5.66 -5.08 26.45
CA GLN A 129 5.94 -4.02 25.46
C GLN A 129 5.65 -2.67 26.08
N GLU A 130 6.31 -1.64 25.56
CA GLU A 130 5.83 -0.28 25.79
C GLU A 130 4.48 -0.09 25.05
N LEU A 131 3.62 0.75 25.62
CA LEU A 131 2.36 1.08 25.01
C LEU A 131 2.59 1.85 23.73
N HIS A 132 1.88 1.47 22.67
CA HIS A 132 2.06 2.06 21.34
C HIS A 132 0.72 2.03 20.58
N ARG A 133 0.63 2.82 19.51
CA ARG A 133 -0.51 2.77 18.60
C ARG A 133 -0.07 2.03 17.36
N GLU A 134 -0.91 1.14 16.87
CA GLU A 134 -0.55 0.28 15.75
C GLU A 134 -0.38 1.07 14.45
N HIS A 135 -1.07 2.20 14.30
CA HIS A 135 -0.95 3.02 13.08
C HIS A 135 0.40 3.73 12.91
N ASP A 136 1.25 3.70 13.93
CA ASP A 136 2.60 4.28 13.80
C ASP A 136 3.54 3.47 12.89
N GLY A 137 3.08 2.32 12.40
CA GLY A 137 3.74 1.63 11.30
C GLY A 137 3.60 2.32 9.94
N ILE A 138 2.68 3.28 9.82
CA ILE A 138 2.43 4.03 8.59
C ILE A 138 2.83 5.50 8.82
N PRO A 139 3.84 6.01 8.08
CA PRO A 139 4.35 7.37 8.41
C PRO A 139 3.33 8.54 8.32
N ILE A 140 2.48 8.56 7.31
CA ILE A 140 1.45 9.60 7.22
C ILE A 140 0.50 9.58 8.43
N CYS A 141 0.19 8.41 8.98
CA CYS A 141 -0.65 8.33 10.18
C CYS A 141 0.03 8.83 11.45
N THR A 142 1.34 8.62 11.56
CA THR A 142 2.14 9.19 12.65
C THR A 142 2.13 10.70 12.60
N THR A 143 2.24 11.27 11.41
CA THR A 143 2.23 12.72 11.23
C THR A 143 0.89 13.36 11.63
N LEU A 144 -0.20 12.70 11.23
CA LEU A 144 -1.56 13.17 11.49
C LEU A 144 -2.03 12.95 12.92
N GLY A 145 -1.58 11.89 13.58
CA GLY A 145 -2.00 11.61 14.94
C GLY A 145 -3.49 11.33 15.04
N ARG A 146 -4.18 12.04 15.94
CA ARG A 146 -5.62 11.92 16.10
C ARG A 146 -6.39 12.21 14.83
N GLN A 147 -5.91 13.14 14.02
CA GLN A 147 -6.60 13.53 12.77
C GLN A 147 -6.45 12.50 11.65
N SER A 148 -5.70 11.44 11.89
CA SER A 148 -5.50 10.40 10.91
C SER A 148 -6.82 9.69 10.59
N PRO A 149 -7.01 9.30 9.32
CA PRO A 149 -8.09 8.39 9.05
C PRO A 149 -7.81 7.04 9.68
N GLU A 150 -8.87 6.24 9.88
CA GLU A 150 -8.74 4.91 10.40
C GLU A 150 -7.97 4.11 9.36
N SER A 151 -6.94 3.43 9.83
CA SER A 151 -6.03 2.67 8.95
C SER A 151 -5.94 1.20 9.29
N MET A 152 -6.08 0.86 10.56
CA MET A 152 -5.90 -0.52 11.01
C MET A 152 -6.98 -0.92 12.00
N LEU A 153 -7.28 -2.21 12.00
CA LEU A 153 -8.18 -2.83 12.96
C LEU A 153 -7.56 -4.16 13.37
N ASN A 154 -7.25 -4.30 14.66
CA ASN A 154 -6.61 -5.51 15.21
C ASN A 154 -7.59 -6.41 15.95
N PHE A 155 -7.81 -7.61 15.42
CA PHE A 155 -8.58 -8.63 16.11
C PHE A 155 -7.56 -9.51 16.81
N LEU A 156 -7.35 -9.31 18.11
CA LEU A 156 -6.32 -10.04 18.84
C LEU A 156 -6.94 -11.14 19.68
N THR A 157 -6.85 -12.38 19.20
CA THR A 157 -7.54 -13.49 19.82
C THR A 157 -6.62 -14.20 20.82
N ALA A 158 -7.18 -14.52 21.99
CA ALA A 158 -6.51 -15.33 22.98
C ALA A 158 -6.57 -16.81 22.56
N LEU A 159 -5.41 -17.43 22.42
CA LEU A 159 -5.30 -18.85 22.10
C LEU A 159 -4.97 -19.71 23.30
N THR A 160 -4.58 -19.07 24.42
CA THR A 160 -4.54 -19.66 25.74
C THR A 160 -5.31 -18.71 26.66
N ASP A 161 -5.45 -19.07 27.94
CA ASP A 161 -5.97 -18.11 28.94
C ASP A 161 -5.13 -16.84 28.90
N PHE A 162 -5.79 -15.70 29.02
CA PHE A 162 -5.18 -14.38 29.09
C PHE A 162 -5.50 -13.84 30.47
N THR A 163 -4.47 -13.65 31.30
CA THR A 163 -4.60 -13.16 32.69
C THR A 163 -3.73 -11.91 32.93
N ALA A 164 -4.10 -11.11 33.93
CA ALA A 164 -3.28 -9.98 34.33
C ALA A 164 -1.83 -10.45 34.50
N GLU A 165 -1.64 -11.53 35.27
CA GLU A 165 -0.32 -12.07 35.58
C GLU A 165 0.46 -12.68 34.41
N ASN A 166 -0.22 -13.35 33.47
CA ASN A 166 0.48 -14.07 32.40
C ASN A 166 0.76 -13.24 31.14
N GLY A 167 0.43 -11.95 31.18
CA GLY A 167 0.80 -11.03 30.10
C GLY A 167 -0.33 -10.61 29.16
N ALA A 168 -1.58 -10.74 29.60
CA ALA A 168 -2.71 -10.28 28.79
C ALA A 168 -2.48 -8.87 28.27
N THR A 169 -2.82 -8.67 27.00
CA THR A 169 -2.64 -7.42 26.28
C THR A 169 -3.26 -6.29 27.06
N ARG A 170 -2.51 -5.19 27.22
CA ARG A 170 -2.95 -4.06 28.02
C ARG A 170 -3.43 -2.95 27.11
N VAL A 171 -4.50 -2.26 27.47
CA VAL A 171 -5.14 -1.29 26.58
C VAL A 171 -5.61 -0.09 27.38
N LEU A 172 -5.61 1.08 26.76
CA LEU A 172 -6.15 2.28 27.36
C LEU A 172 -7.39 2.70 26.57
N PRO A 173 -8.59 2.32 27.06
CA PRO A 173 -9.83 2.77 26.44
C PRO A 173 -9.92 4.29 26.41
N GLY A 174 -10.29 4.87 25.27
CA GLY A 174 -10.40 6.32 25.12
C GLY A 174 -9.18 6.98 24.53
N SER A 175 -8.03 6.26 24.44
CA SER A 175 -6.78 6.84 23.93
C SER A 175 -6.82 7.19 22.44
N HIS A 176 -7.69 6.51 21.69
CA HIS A 176 -8.01 6.90 20.31
C HIS A 176 -8.55 8.33 20.11
N LEU A 177 -8.96 9.00 21.18
CA LEU A 177 -9.53 10.36 21.12
C LEU A 177 -8.67 11.42 21.82
N TRP A 178 -7.56 11.03 22.42
CA TRP A 178 -6.64 11.98 23.04
C TRP A 178 -6.11 12.96 21.99
N GLU A 179 -5.88 14.20 22.41
CA GLU A 179 -5.53 15.26 21.48
C GLU A 179 -4.15 15.01 20.82
N ASP A 180 -3.15 14.71 21.64
CA ASP A 180 -1.75 14.64 21.18
C ASP A 180 -1.23 13.21 21.14
N PHE A 181 -1.18 12.62 19.95
CA PHE A 181 -0.69 11.25 19.80
C PHE A 181 0.86 11.12 19.89
N SER A 182 1.57 12.24 19.78
CA SER A 182 3.02 12.24 19.89
C SER A 182 3.49 12.37 21.34
N ALA A 183 2.59 12.66 22.28
CA ALA A 183 2.94 12.74 23.69
C ALA A 183 3.43 11.36 24.18
N PRO A 184 4.48 11.32 25.04
CA PRO A 184 4.99 10.01 25.48
C PRO A 184 3.92 9.21 26.27
N PRO A 185 3.68 7.95 25.89
CA PRO A 185 2.56 7.25 26.52
C PRO A 185 2.84 6.89 27.98
N PRO A 186 1.77 6.62 28.76
CA PRO A 186 1.98 6.23 30.14
C PRO A 186 2.64 4.83 30.31
N LYS A 187 2.95 4.47 31.55
CA LYS A 187 3.52 3.16 31.86
C LYS A 187 2.49 2.06 31.56
N ALA A 188 2.97 0.94 31.04
CA ALA A 188 2.10 -0.17 30.65
C ALA A 188 1.27 -0.69 31.83
N ASP A 189 1.82 -0.63 33.04
CA ASP A 189 1.09 -1.10 34.22
C ASP A 189 -0.08 -0.21 34.68
N THR A 190 -0.23 0.99 34.12
CA THR A 190 -1.45 1.78 34.34
C THR A 190 -2.61 1.35 33.41
N ALA A 191 -2.30 0.57 32.37
CA ALA A 191 -3.31 0.15 31.39
C ALA A 191 -4.06 -1.10 31.85
N ILE A 192 -5.18 -1.38 31.20
CA ILE A 192 -6.10 -2.45 31.63
C ILE A 192 -5.77 -3.72 30.84
N PRO A 193 -5.49 -4.83 31.55
CA PRO A 193 -5.24 -6.06 30.82
C PRO A 193 -6.55 -6.68 30.29
N ALA A 194 -6.51 -7.21 29.08
CA ALA A 194 -7.71 -7.83 28.49
C ALA A 194 -7.78 -9.28 28.96
N VAL A 195 -8.37 -9.45 30.13
CA VAL A 195 -8.52 -10.77 30.72
C VAL A 195 -9.57 -11.55 29.91
N MET A 196 -9.23 -12.74 29.46
CA MET A 196 -9.97 -13.41 28.39
C MET A 196 -9.73 -14.90 28.39
N ASN A 197 -10.75 -15.69 28.02
CA ASN A 197 -10.59 -17.12 27.80
C ASN A 197 -10.23 -17.41 26.36
N PRO A 198 -9.78 -18.63 26.05
CA PRO A 198 -9.42 -18.94 24.66
C PRO A 198 -10.59 -18.73 23.72
N GLY A 199 -10.33 -18.05 22.59
CA GLY A 199 -11.38 -17.74 21.62
C GLY A 199 -11.95 -16.34 21.74
N ASP A 200 -11.93 -15.78 22.96
CA ASP A 200 -12.24 -14.35 23.16
C ASP A 200 -11.17 -13.55 22.44
N ALA A 201 -11.53 -12.38 21.94
CA ALA A 201 -10.61 -11.52 21.21
C ALA A 201 -10.73 -10.12 21.73
N VAL A 202 -9.59 -9.42 21.87
CA VAL A 202 -9.63 -8.00 22.16
C VAL A 202 -9.51 -7.27 20.81
N LEU A 203 -10.47 -6.38 20.54
CA LEU A 203 -10.56 -5.66 19.27
C LEU A 203 -10.21 -4.19 19.49
N PHE A 204 -9.21 -3.67 18.76
CA PHE A 204 -8.83 -2.27 18.86
C PHE A 204 -8.38 -1.67 17.52
N THR A 205 -8.63 -0.37 17.34
CA THR A 205 -8.17 0.33 16.16
C THR A 205 -6.69 0.64 16.27
N GLY A 206 -6.10 1.07 15.16
CA GLY A 206 -4.70 1.48 15.14
C GLY A 206 -4.42 2.78 15.88
N LYS A 207 -5.46 3.41 16.46
CA LYS A 207 -5.32 4.65 17.18
C LYS A 207 -5.34 4.47 18.68
N THR A 208 -5.53 3.23 19.16
CA THR A 208 -5.67 2.96 20.57
C THR A 208 -4.35 2.44 21.14
N LEU A 209 -3.91 3.04 22.24
CA LEU A 209 -2.69 2.65 22.94
C LEU A 209 -2.85 1.28 23.55
N HIS A 210 -1.89 0.41 23.28
CA HIS A 210 -1.92 -0.96 23.76
C HIS A 210 -0.49 -1.52 23.80
N GLY A 211 -0.33 -2.67 24.45
CA GLY A 211 0.92 -3.43 24.38
C GLY A 211 0.82 -4.74 25.13
N ALA A 212 1.60 -5.73 24.71
CA ALA A 212 1.67 -7.04 25.37
C ALA A 212 2.13 -6.83 26.79
N GLY A 213 1.52 -7.54 27.72
CA GLY A 213 1.80 -7.38 29.14
C GLY A 213 3.02 -8.18 29.57
N LYS A 214 3.47 -7.90 30.80
CA LYS A 214 4.52 -8.66 31.45
C LYS A 214 3.99 -10.06 31.82
N ASN A 215 4.74 -11.10 31.47
CA ASN A 215 4.42 -12.49 31.86
C ASN A 215 5.16 -12.81 33.17
N ASN A 216 4.48 -12.61 34.31
CA ASN A 216 5.01 -12.89 35.66
C ASN A 216 4.91 -14.35 36.13
N THR A 217 4.45 -15.27 35.28
CA THR A 217 4.35 -16.68 35.71
C THR A 217 5.70 -17.35 35.58
N THR A 218 5.83 -18.53 36.18
CA THR A 218 7.04 -19.33 36.10
C THR A 218 6.97 -20.37 34.98
N ASP A 219 5.76 -20.74 34.56
CA ASP A 219 5.55 -21.92 33.71
C ASP A 219 4.47 -21.82 32.62
N PHE A 220 3.90 -20.64 32.36
CA PHE A 220 2.78 -20.50 31.41
C PHE A 220 3.22 -19.74 30.16
N LEU A 221 3.05 -20.39 29.00
CA LEU A 221 3.26 -19.77 27.69
C LEU A 221 1.94 -19.14 27.26
N ARG A 222 1.92 -17.82 27.19
CA ARG A 222 0.70 -17.04 26.86
C ARG A 222 0.68 -16.80 25.35
N ARG A 223 -0.27 -17.41 24.65
CA ARG A 223 -0.32 -17.36 23.19
C ARG A 223 -1.44 -16.46 22.70
N GLY A 224 -1.08 -15.37 22.03
CA GLY A 224 -2.04 -14.46 21.41
C GLY A 224 -2.01 -14.56 19.90
N PHE A 225 -3.04 -14.01 19.25
CA PHE A 225 -3.22 -14.12 17.79
C PHE A 225 -3.69 -12.79 17.23
N PRO A 226 -2.77 -11.83 17.01
CA PRO A 226 -3.14 -10.60 16.35
C PRO A 226 -3.45 -10.82 14.88
N LEU A 227 -4.57 -10.27 14.42
CA LEU A 227 -4.94 -10.30 13.03
C LEU A 227 -5.32 -8.87 12.68
N ILE A 228 -4.50 -8.24 11.84
CA ILE A 228 -4.67 -6.81 11.60
C ILE A 228 -5.15 -6.57 10.17
N MET A 229 -6.35 -6.00 10.06
CA MET A 229 -6.90 -5.54 8.77
C MET A 229 -6.57 -4.07 8.60
N GLN A 230 -6.45 -3.66 7.35
CA GLN A 230 -5.98 -2.34 7.00
C GLN A 230 -6.68 -1.77 5.79
N SER A 231 -6.85 -0.45 5.80
CA SER A 231 -7.28 0.32 4.63
C SER A 231 -6.47 -0.01 3.37
N CYS A 232 -7.16 -0.30 2.26
CA CYS A 232 -6.48 -0.80 1.06
C CYS A 232 -5.48 0.17 0.40
N GLN A 233 -5.61 1.46 0.67
CA GLN A 233 -4.67 2.47 0.17
C GLN A 233 -3.25 2.33 0.76
N PHE A 234 -3.11 1.65 1.90
CA PHE A 234 -1.80 1.42 2.54
C PHE A 234 -1.23 0.03 2.27
N THR A 235 0.06 0.02 1.92
CA THR A 235 0.80 -1.19 1.62
C THR A 235 0.76 -2.15 2.81
N PRO A 236 0.43 -3.43 2.56
CA PRO A 236 0.51 -4.43 3.61
C PRO A 236 1.93 -4.68 4.18
N VAL A 237 2.01 -4.97 5.47
CA VAL A 237 3.27 -5.38 6.08
C VAL A 237 3.74 -6.75 5.52
N GLU A 238 2.79 -7.65 5.26
CA GLU A 238 3.09 -8.98 4.70
C GLU A 238 2.84 -9.03 3.21
N ALA A 239 3.86 -9.45 2.46
CA ALA A 239 3.81 -9.45 0.99
C ALA A 239 2.99 -10.60 0.45
N SER A 240 2.10 -10.29 -0.48
CA SER A 240 1.25 -11.30 -1.13
C SER A 240 1.99 -12.14 -2.18
N VAL A 241 3.12 -11.63 -2.67
CA VAL A 241 3.99 -12.42 -3.57
C VAL A 241 4.65 -13.64 -2.92
N ALA A 242 4.64 -13.75 -1.59
CA ALA A 242 5.10 -14.96 -0.90
C ALA A 242 4.17 -16.17 -1.07
N LEU A 243 2.90 -15.92 -1.39
CA LEU A 243 1.92 -17.00 -1.54
C LEU A 243 2.05 -17.63 -2.92
N PRO A 244 2.18 -18.97 -2.98
CA PRO A 244 2.10 -19.60 -4.30
C PRO A 244 0.68 -19.50 -4.88
N ARG A 245 0.60 -19.35 -6.19
CA ARG A 245 -0.69 -19.29 -6.87
C ARG A 245 -1.59 -20.50 -6.57
N GLU A 246 -1.01 -21.70 -6.62
CA GLU A 246 -1.73 -22.95 -6.31
C GLU A 246 -2.51 -22.89 -4.99
N LEU A 247 -1.91 -22.33 -3.94
CA LEU A 247 -2.57 -22.19 -2.64
C LEU A 247 -3.68 -21.12 -2.66
N VAL A 248 -3.41 -19.99 -3.30
CA VAL A 248 -4.38 -18.90 -3.41
C VAL A 248 -5.67 -19.38 -4.09
N GLU A 249 -5.52 -20.22 -5.11
CA GLU A 249 -6.67 -20.75 -5.87
C GLU A 249 -7.57 -21.72 -5.11
N THR A 250 -7.17 -22.15 -3.90
CA THR A 250 -8.04 -22.91 -2.99
C THR A 250 -9.02 -22.04 -2.17
N MET A 251 -8.85 -20.72 -2.19
CA MET A 251 -9.61 -19.83 -1.30
C MET A 251 -10.81 -19.24 -2.03
N THR A 252 -11.73 -18.66 -1.26
CA THR A 252 -12.88 -17.96 -1.81
C THR A 252 -12.38 -16.64 -2.40
N PRO A 253 -13.10 -16.09 -3.40
CA PRO A 253 -12.76 -14.76 -3.94
C PRO A 253 -12.52 -13.69 -2.87
N LEU A 254 -13.36 -13.67 -1.83
CA LEU A 254 -13.26 -12.68 -0.76
C LEU A 254 -11.98 -12.88 0.06
N ALA A 255 -11.65 -14.13 0.38
CA ALA A 255 -10.39 -14.43 1.08
C ALA A 255 -9.18 -14.10 0.20
N GLN A 256 -9.28 -14.38 -1.11
CA GLN A 256 -8.21 -14.01 -2.06
C GLN A 256 -7.93 -12.50 -2.05
N LYS A 257 -9.00 -11.71 -1.98
CA LYS A 257 -8.90 -10.27 -1.92
C LYS A 257 -8.22 -9.77 -0.65
N MET A 258 -8.46 -10.43 0.47
CA MET A 258 -7.84 -10.08 1.75
C MET A 258 -6.32 -10.30 1.73
N VAL A 259 -5.89 -11.39 1.12
CA VAL A 259 -4.48 -11.75 1.09
C VAL A 259 -3.69 -11.18 -0.10
N GLY A 260 -4.25 -10.20 -0.81
CA GLY A 260 -3.50 -9.42 -1.79
C GLY A 260 -3.39 -10.01 -3.19
N TRP A 261 -4.37 -10.81 -3.61
CA TRP A 261 -4.42 -11.33 -4.98
C TRP A 261 -5.61 -10.85 -5.83
N ARG A 262 -6.37 -9.85 -5.37
CA ARG A 262 -7.40 -9.23 -6.19
C ARG A 262 -7.35 -7.71 -6.10
N THR A 263 -8.02 -7.09 -7.06
CA THR A 263 -8.12 -5.65 -7.14
C THR A 263 -9.00 -5.14 -6.01
N VAL A 264 -8.60 -4.00 -5.44
CA VAL A 264 -9.28 -3.37 -4.31
C VAL A 264 -9.61 -1.94 -4.73
N SER A 265 -10.73 -1.43 -4.25
CA SER A 265 -11.19 -0.08 -4.61
C SER A 265 -10.90 0.92 -3.48
N ALA A 266 -10.09 1.93 -3.79
CA ALA A 266 -9.79 3.00 -2.84
C ALA A 266 -10.70 4.16 -3.17
N LYS A 267 -11.82 4.26 -2.45
CA LYS A 267 -12.90 5.24 -2.75
C LYS A 267 -13.17 5.40 -4.25
N GLY A 268 -13.40 4.29 -4.93
CA GLY A 268 -13.71 4.33 -6.36
C GLY A 268 -12.52 4.18 -7.30
N VAL A 269 -11.31 4.21 -6.75
CA VAL A 269 -10.07 4.09 -7.51
C VAL A 269 -9.69 2.62 -7.45
N ASP A 270 -9.60 1.96 -8.60
CA ASP A 270 -9.14 0.58 -8.63
C ASP A 270 -7.64 0.60 -8.51
N ILE A 271 -7.12 -0.12 -7.51
CA ILE A 271 -5.68 -0.31 -7.36
C ILE A 271 -5.37 -1.79 -7.15
N TRP A 272 -4.09 -2.14 -7.31
CA TRP A 272 -3.63 -3.52 -7.36
C TRP A 272 -4.28 -4.23 -8.56
N THR A 273 -3.95 -3.71 -9.74
CA THR A 273 -4.54 -4.12 -10.99
C THR A 273 -3.54 -4.83 -11.89
N TYR A 274 -4.05 -5.48 -12.93
CA TYR A 274 -3.25 -5.95 -14.07
C TYR A 274 -3.63 -5.07 -15.24
N ASP A 275 -2.64 -4.36 -15.78
CA ASP A 275 -2.84 -3.45 -16.88
C ASP A 275 -3.90 -2.37 -16.61
N LEU A 276 -4.01 -1.96 -15.33
CA LEU A 276 -5.05 -1.02 -14.87
C LEU A 276 -6.50 -1.56 -14.84
N LYS A 277 -6.68 -2.81 -15.28
CA LYS A 277 -7.98 -3.48 -15.27
C LYS A 277 -7.95 -4.50 -14.13
N ASP A 278 -9.06 -5.21 -13.92
CA ASP A 278 -9.24 -6.20 -12.85
C ASP A 278 -8.11 -7.26 -12.85
N LEU A 279 -7.56 -7.52 -11.66
CA LEU A 279 -6.37 -8.40 -11.54
C LEU A 279 -6.70 -9.86 -11.81
N ALA A 280 -7.75 -10.34 -11.13
CA ALA A 280 -8.19 -11.73 -11.25
C ALA A 280 -8.56 -12.14 -12.69
N THR A 281 -9.20 -11.24 -13.42
CA THR A 281 -9.53 -11.45 -14.84
C THR A 281 -8.27 -11.52 -15.67
N GLY A 282 -7.35 -10.58 -15.44
CA GLY A 282 -6.16 -10.43 -16.26
C GLY A 282 -5.19 -11.60 -16.18
N ILE A 283 -5.06 -12.18 -14.99
CA ILE A 283 -4.19 -13.34 -14.77
C ILE A 283 -4.93 -14.68 -14.80
N ASP A 284 -6.25 -14.65 -15.04
CA ASP A 284 -7.10 -15.85 -15.16
C ASP A 284 -7.21 -16.62 -13.84
N LEU A 285 -7.33 -15.88 -12.73
CA LEU A 285 -7.24 -16.45 -11.39
C LEU A 285 -8.47 -17.31 -11.05
N LYS A 286 -8.22 -18.56 -10.63
CA LYS A 286 -9.27 -19.50 -10.26
C LYS A 286 -9.53 -19.36 -8.75
N SER A 287 -10.63 -19.94 -8.28
CA SER A 287 -11.02 -19.85 -6.87
C SER A 287 -11.83 -21.08 -6.41
N ASN A 288 -11.87 -21.30 -5.09
CA ASN A 288 -12.54 -22.47 -4.51
C ASN A 288 -12.12 -23.80 -5.16
N GLN A 289 -10.84 -23.92 -5.56
CA GLN A 289 -10.32 -25.17 -6.10
C GLN A 289 -10.15 -26.22 -5.00
N VAL A 290 -10.47 -27.45 -5.34
CA VAL A 290 -10.45 -28.59 -4.45
C VAL A 290 -9.78 -29.73 -5.22
N ALA A 291 -8.60 -30.15 -4.77
CA ALA A 291 -7.86 -31.24 -5.42
C ALA A 291 -8.49 -32.60 -5.09
N LYS A 292 -8.73 -33.44 -6.10
CA LYS A 292 -9.51 -34.65 -5.89
C LYS A 292 -8.63 -35.90 -5.77
N LYS A 293 -9.07 -36.86 -4.95
CA LYS A 293 -8.31 -38.09 -4.64
C LYS A 293 -7.97 -38.96 -5.87
N ALA A 294 -8.76 -38.83 -6.94
CA ALA A 294 -8.40 -39.31 -8.31
C ALA A 294 -8.03 -40.79 -8.43
N PRO B 10 2.83 32.45 -15.30
CA PRO B 10 4.08 31.72 -15.07
C PRO B 10 4.55 30.93 -16.29
N THR B 11 5.73 30.31 -16.17
CA THR B 11 6.45 29.66 -17.27
C THR B 11 6.77 28.22 -16.90
N LEU B 12 6.85 27.36 -17.91
CA LEU B 12 7.34 26.01 -17.72
C LEU B 12 8.84 26.04 -17.99
N ARG B 13 9.63 25.60 -17.00
CA ARG B 13 11.07 25.65 -17.12
C ARG B 13 11.63 24.33 -17.60
N ARG B 14 12.83 24.43 -18.15
CA ARG B 14 13.48 23.36 -18.87
C ARG B 14 14.91 23.24 -18.33
N ILE B 15 15.35 22.02 -18.07
CA ILE B 15 16.71 21.77 -17.60
C ILE B 15 17.26 20.48 -18.23
N PRO B 16 18.51 20.51 -18.70
CA PRO B 16 19.09 19.28 -19.27
C PRO B 16 19.34 18.19 -18.22
N ARG B 17 19.24 16.93 -18.65
CA ARG B 17 19.53 15.77 -17.80
C ARG B 17 20.93 15.84 -17.15
N SER B 18 21.89 16.38 -17.88
CA SER B 18 23.27 16.53 -17.40
C SER B 18 23.45 17.51 -16.21
N ALA B 19 22.46 18.37 -15.95
CA ALA B 19 22.54 19.33 -14.85
C ALA B 19 22.43 18.63 -13.48
N GLY B 20 21.84 17.44 -13.47
CA GLY B 20 21.87 16.59 -12.29
C GLY B 20 20.61 16.79 -11.46
N ASP B 21 20.50 15.97 -10.43
CA ASP B 21 19.28 15.88 -9.63
C ASP B 21 19.04 17.09 -8.70
N GLU B 22 20.10 17.69 -8.16
CA GLU B 22 19.93 18.87 -7.29
C GLU B 22 19.28 20.03 -8.04
N ALA B 23 19.81 20.36 -9.21
CA ALA B 23 19.29 21.45 -10.02
C ALA B 23 17.86 21.16 -10.48
N ILE B 24 17.59 19.92 -10.88
CA ILE B 24 16.26 19.52 -11.32
C ILE B 24 15.26 19.52 -10.15
N PHE B 25 15.72 19.03 -8.99
CA PHE B 25 14.89 19.00 -7.81
C PHE B 25 14.47 20.39 -7.34
N GLN B 26 15.35 21.36 -7.50
CA GLN B 26 15.07 22.73 -7.08
C GLN B 26 13.93 23.36 -7.88
N VAL B 27 13.97 23.23 -9.21
CA VAL B 27 12.88 23.73 -10.04
C VAL B 27 11.57 23.00 -9.73
N LEU B 28 11.66 21.69 -9.46
CA LEU B 28 10.49 20.90 -9.06
C LEU B 28 9.84 21.40 -7.77
N GLN B 29 10.66 21.74 -6.77
CA GLN B 29 10.13 22.36 -5.53
C GLN B 29 9.47 23.72 -5.76
N GLU B 30 10.12 24.55 -6.57
CA GLU B 30 9.62 25.91 -6.82
C GLU B 30 8.40 25.94 -7.73
N ASP B 31 8.38 25.08 -8.77
CA ASP B 31 7.36 25.13 -9.84
C ASP B 31 6.39 23.95 -9.85
N GLY B 32 6.76 22.84 -9.22
CA GLY B 32 5.96 21.61 -9.23
C GLY B 32 6.07 20.80 -10.53
N VAL B 33 6.84 21.30 -11.49
CA VAL B 33 6.93 20.72 -12.80
C VAL B 33 8.16 21.30 -13.49
N VAL B 34 8.91 20.44 -14.17
CA VAL B 34 10.08 20.87 -14.95
C VAL B 34 10.25 19.92 -16.15
N VAL B 35 10.70 20.45 -17.29
CA VAL B 35 11.08 19.61 -18.43
C VAL B 35 12.55 19.15 -18.28
N ILE B 36 12.77 17.84 -18.26
CA ILE B 36 14.10 17.26 -18.33
C ILE B 36 14.45 16.99 -19.80
N GLU B 37 15.38 17.77 -20.35
CA GLU B 37 15.82 17.57 -21.71
C GLU B 37 16.72 16.34 -21.74
N GLY B 38 16.40 15.40 -22.62
CA GLY B 38 17.18 14.19 -22.79
C GLY B 38 17.12 13.24 -21.63
N PHE B 39 15.93 13.08 -21.04
CA PHE B 39 15.75 12.11 -19.96
C PHE B 39 16.12 10.71 -20.47
N MET B 40 15.57 10.36 -21.64
CA MET B 40 15.99 9.18 -22.39
C MET B 40 16.68 9.67 -23.65
N SER B 41 17.69 8.93 -24.10
CA SER B 41 18.35 9.22 -25.38
C SER B 41 17.46 8.80 -26.56
N ALA B 42 17.82 9.28 -27.75
CA ALA B 42 17.14 8.91 -28.98
C ALA B 42 17.15 7.40 -29.20
N ASP B 43 18.31 6.79 -28.93
CA ASP B 43 18.47 5.33 -29.10
C ASP B 43 17.61 4.51 -28.15
N GLN B 44 17.48 4.97 -26.91
CA GLN B 44 16.56 4.36 -25.96
C GLN B 44 15.10 4.45 -26.41
N VAL B 45 14.70 5.62 -26.91
CA VAL B 45 13.32 5.80 -27.36
C VAL B 45 13.00 4.85 -28.52
N ARG B 46 13.92 4.77 -29.50
CA ARG B 46 13.77 3.83 -30.62
C ARG B 46 13.61 2.38 -30.16
N ARG B 47 14.50 1.93 -29.28
CA ARG B 47 14.45 0.55 -28.76
C ARG B 47 13.22 0.29 -27.89
N PHE B 48 12.86 1.23 -27.02
CA PHE B 48 11.65 1.11 -26.21
C PHE B 48 10.41 1.01 -27.09
N ASN B 49 10.29 1.92 -28.05
CA ASN B 49 9.20 1.86 -29.05
C ASN B 49 9.12 0.52 -29.78
N GLY B 50 10.28 0.00 -30.22
CA GLY B 50 10.36 -1.31 -30.85
C GLY B 50 9.75 -2.42 -30.00
N GLU B 51 10.11 -2.45 -28.72
CA GLU B 51 9.56 -3.42 -27.75
C GLU B 51 8.06 -3.26 -27.50
N ILE B 52 7.60 -2.00 -27.42
CA ILE B 52 6.21 -1.68 -27.06
C ILE B 52 5.20 -1.92 -28.20
N ASP B 53 5.56 -1.56 -29.43
CA ASP B 53 4.62 -1.55 -30.56
C ASP B 53 3.58 -2.70 -30.59
N PRO B 54 4.04 -3.97 -30.62
CA PRO B 54 3.08 -5.06 -30.83
C PRO B 54 2.07 -5.39 -29.72
N HIS B 55 2.18 -4.79 -28.53
CA HIS B 55 1.24 -5.08 -27.41
C HIS B 55 0.15 -4.03 -27.16
N MET B 56 0.12 -2.93 -27.93
CA MET B 56 -0.81 -1.81 -27.68
C MET B 56 -2.27 -2.16 -28.04
N LYS B 57 -3.22 -1.59 -27.29
CA LYS B 57 -4.65 -1.72 -27.62
C LYS B 57 -5.52 -0.64 -26.93
N GLN B 58 -6.80 -0.60 -27.32
CA GLN B 58 -7.75 0.39 -26.79
C GLN B 58 -8.13 0.07 -25.33
N TRP B 59 -8.43 1.11 -24.55
CA TRP B 59 -8.97 0.94 -23.19
C TRP B 59 -10.38 0.32 -23.25
N GLU B 60 -10.57 -0.82 -22.56
CA GLU B 60 -11.88 -1.49 -22.50
C GLU B 60 -12.79 -0.81 -21.48
N LEU B 61 -13.90 -0.26 -21.95
CA LEU B 61 -14.93 0.31 -21.06
C LEU B 61 -15.69 -0.77 -20.28
N GLY B 62 -16.36 -0.35 -19.23
CA GLY B 62 -17.10 -1.24 -18.31
C GLY B 62 -16.43 -1.52 -16.97
N GLN B 63 -15.39 -0.76 -16.63
CA GLN B 63 -14.62 -0.93 -15.39
C GLN B 63 -15.21 -0.20 -14.15
N LYS B 64 -15.90 0.93 -14.38
CA LYS B 64 -16.56 1.70 -13.31
C LYS B 64 -15.58 2.16 -12.21
N SER B 65 -14.41 2.66 -12.64
CA SER B 65 -13.32 3.06 -11.73
C SER B 65 -12.82 4.49 -11.98
N TYR B 66 -11.94 4.97 -11.09
CA TYR B 66 -11.23 6.25 -11.26
C TYR B 66 -10.34 6.22 -12.51
N GLN B 67 -9.66 5.10 -12.73
CA GLN B 67 -8.85 4.86 -13.94
C GLN B 67 -9.66 5.14 -15.20
N GLU B 68 -10.82 4.52 -15.31
CA GLU B 68 -11.69 4.69 -16.50
C GLU B 68 -12.15 6.14 -16.79
N SER B 69 -12.38 6.94 -15.74
N SER B 69 -12.38 6.94 -15.74
CA SER B 69 -12.83 8.34 -15.91
CA SER B 69 -12.84 8.34 -15.91
C SER B 69 -11.82 9.21 -16.66
C SER B 69 -11.81 9.24 -16.63
N TYR B 70 -10.51 9.00 -16.40
CA TYR B 70 -9.40 9.72 -17.07
C TYR B 70 -8.82 9.02 -18.33
N LEU B 71 -8.93 7.69 -18.43
CA LEU B 71 -8.28 6.90 -19.51
C LEU B 71 -9.17 6.40 -20.67
N ALA B 72 -10.47 6.71 -20.65
CA ALA B 72 -11.35 6.40 -21.79
C ALA B 72 -10.91 7.21 -23.03
N GLY B 73 -10.97 6.58 -24.21
CA GLY B 73 -10.54 7.20 -25.48
C GLY B 73 -9.05 7.09 -25.83
N MET B 74 -8.22 6.64 -24.89
CA MET B 74 -6.78 6.50 -25.11
C MET B 74 -6.44 5.07 -25.50
N ARG B 75 -5.36 4.93 -26.26
CA ARG B 75 -4.65 3.65 -26.36
C ARG B 75 -3.68 3.58 -25.17
N GLN B 76 -3.71 2.47 -24.44
CA GLN B 76 -2.86 2.32 -23.27
C GLN B 76 -2.35 0.89 -23.09
N LEU B 77 -1.10 0.80 -22.64
CA LEU B 77 -0.49 -0.43 -22.16
C LEU B 77 0.16 -0.11 -20.84
N SER B 78 -0.12 -0.93 -19.82
CA SER B 78 0.46 -0.76 -18.49
C SER B 78 1.11 -2.08 -18.05
N SER B 79 1.51 -2.20 -16.79
CA SER B 79 2.30 -3.36 -16.34
C SER B 79 3.46 -3.65 -17.33
N LEU B 80 4.25 -2.58 -17.58
CA LEU B 80 5.34 -2.57 -18.56
C LEU B 80 6.60 -3.35 -18.18
N PRO B 81 6.77 -3.71 -16.89
CA PRO B 81 7.79 -4.72 -16.62
C PRO B 81 7.57 -6.04 -17.35
N LEU B 82 6.31 -6.37 -17.64
CA LEU B 82 5.95 -7.61 -18.33
C LEU B 82 6.31 -7.60 -19.83
N PHE B 83 6.42 -6.41 -20.41
CA PHE B 83 6.55 -6.23 -21.85
C PHE B 83 7.87 -5.64 -22.35
N SER B 84 8.69 -5.06 -21.46
CA SER B 84 9.88 -4.29 -21.88
C SER B 84 11.13 -4.56 -21.03
N LYS B 85 12.14 -5.16 -21.67
CA LYS B 85 13.46 -5.38 -21.06
C LYS B 85 14.14 -4.06 -20.74
N LEU B 86 14.01 -3.09 -21.63
CA LEU B 86 14.55 -1.75 -21.42
C LEU B 86 13.92 -1.07 -20.18
N PHE B 87 12.63 -1.32 -19.92
CA PHE B 87 11.99 -0.83 -18.71
C PHE B 87 12.61 -1.48 -17.47
N ARG B 88 12.60 -2.81 -17.48
CA ARG B 88 13.15 -3.61 -16.38
C ARG B 88 14.60 -3.28 -16.02
N ASP B 89 15.47 -3.12 -17.02
CA ASP B 89 16.92 -3.03 -16.84
C ASP B 89 17.50 -1.60 -16.87
N GLU B 90 17.01 -0.76 -17.77
CA GLU B 90 17.57 0.59 -17.96
C GLU B 90 16.84 1.61 -17.10
N LEU B 91 15.52 1.69 -17.25
CA LEU B 91 14.73 2.70 -16.53
C LEU B 91 14.62 2.46 -15.02
N MET B 92 14.39 1.22 -14.61
CA MET B 92 14.29 0.91 -13.20
C MET B 92 15.64 0.96 -12.44
N ASN B 93 16.76 1.13 -13.16
CA ASN B 93 18.07 1.37 -12.54
C ASN B 93 18.64 2.76 -12.85
N ASP B 94 17.85 3.66 -13.41
CA ASP B 94 18.35 4.97 -13.81
C ASP B 94 18.74 5.85 -12.60
N GLU B 95 20.01 6.24 -12.55
CA GLU B 95 20.56 7.09 -11.48
C GLU B 95 19.84 8.41 -11.27
N LEU B 96 19.41 9.06 -12.33
CA LEU B 96 18.70 10.34 -12.20
C LEU B 96 17.31 10.12 -11.58
N LEU B 97 16.59 9.10 -12.06
CA LEU B 97 15.28 8.78 -11.49
C LEU B 97 15.40 8.55 -9.99
N HIS B 98 16.36 7.72 -9.60
CA HIS B 98 16.54 7.38 -8.20
C HIS B 98 17.02 8.56 -7.35
N GLY B 99 17.88 9.42 -7.89
CA GLY B 99 18.30 10.63 -7.18
C GLY B 99 17.14 11.56 -6.82
N LEU B 100 16.25 11.76 -7.79
CA LEU B 100 15.08 12.61 -7.61
C LEU B 100 14.05 12.00 -6.65
N CYS B 101 13.82 10.69 -6.76
CA CYS B 101 12.92 9.98 -5.84
C CYS B 101 13.44 10.01 -4.39
N LYS B 102 14.74 9.81 -4.20
N LYS B 102 14.74 9.79 -4.21
CA LYS B 102 15.33 9.90 -2.86
CA LYS B 102 15.39 9.90 -2.89
C LYS B 102 15.11 11.26 -2.23
C LYS B 102 15.15 11.25 -2.23
N ARG B 103 15.23 12.33 -3.02
CA ARG B 103 14.99 13.68 -2.53
C ARG B 103 13.52 13.97 -2.26
N LEU B 104 12.62 13.54 -3.13
CA LEU B 104 11.20 13.80 -2.93
C LEU B 104 10.64 13.00 -1.75
N PHE B 105 10.93 11.70 -1.73
CA PHE B 105 10.31 10.78 -0.79
C PHE B 105 11.07 10.52 0.50
N GLY B 106 12.39 10.71 0.50
CA GLY B 106 13.21 10.44 1.68
C GLY B 106 12.76 11.12 2.96
N PRO B 107 12.42 12.43 2.89
CA PRO B 107 12.07 13.15 4.13
C PRO B 107 10.84 12.65 4.90
N GLU B 108 9.70 12.49 4.21
CA GLU B 108 8.45 12.10 4.87
C GLU B 108 8.16 10.60 4.82
N SER B 109 8.63 9.90 3.78
CA SER B 109 8.30 8.47 3.59
C SER B 109 9.43 7.45 3.75
N GLY B 110 10.67 7.81 3.38
CA GLY B 110 11.78 6.85 3.26
C GLY B 110 11.80 6.28 1.85
N ASP B 111 11.51 4.98 1.72
CA ASP B 111 11.56 4.32 0.41
C ASP B 111 10.36 4.62 -0.49
N TYR B 112 10.51 4.22 -1.76
CA TYR B 112 9.58 4.47 -2.82
C TYR B 112 9.60 3.27 -3.75
N TRP B 113 8.61 3.21 -4.63
CA TRP B 113 8.54 2.18 -5.67
C TRP B 113 7.56 2.58 -6.77
N LEU B 114 7.47 1.76 -7.81
CA LEU B 114 6.59 2.03 -8.94
C LEU B 114 5.14 1.83 -8.53
N THR B 115 4.28 2.80 -8.84
CA THR B 115 2.84 2.60 -8.70
C THR B 115 2.20 2.22 -10.05
N THR B 116 2.56 2.95 -11.11
CA THR B 116 2.06 2.64 -12.45
C THR B 116 2.95 3.24 -13.52
N SER B 117 3.02 2.55 -14.64
CA SER B 117 3.66 3.11 -15.82
C SER B 117 2.88 2.63 -17.03
N SER B 118 2.72 3.54 -18.00
CA SER B 118 1.93 3.25 -19.18
C SER B 118 2.56 3.89 -20.38
N VAL B 119 2.25 3.34 -21.55
CA VAL B 119 2.41 4.05 -22.80
C VAL B 119 1.00 4.53 -23.16
N LEU B 120 0.86 5.83 -23.40
CA LEU B 120 -0.43 6.45 -23.70
C LEU B 120 -0.38 7.15 -25.06
N GLU B 121 -1.04 6.56 -26.05
CA GLU B 121 -1.07 7.08 -27.42
C GLU B 121 -2.44 7.71 -27.72
N THR B 122 -2.45 9.01 -28.04
CA THR B 122 -3.69 9.72 -28.35
C THR B 122 -3.81 9.85 -29.87
N GLU B 123 -4.97 9.47 -30.39
CA GLU B 123 -5.22 9.50 -31.84
C GLU B 123 -5.63 10.91 -32.29
N PRO B 124 -5.58 11.18 -33.60
CA PRO B 124 -6.18 12.42 -34.10
C PRO B 124 -7.64 12.59 -33.67
N GLY B 125 -7.98 13.78 -33.19
CA GLY B 125 -9.33 14.08 -32.68
C GLY B 125 -9.54 13.87 -31.19
N TYR B 126 -8.58 13.25 -30.49
CA TYR B 126 -8.69 13.00 -29.05
C TYR B 126 -8.86 14.33 -28.32
N HIS B 127 -9.87 14.40 -27.49
CA HIS B 127 -10.39 15.67 -26.96
C HIS B 127 -9.57 16.23 -25.78
N GLY B 128 -8.77 15.39 -25.13
CA GLY B 128 -7.90 15.81 -24.03
C GLY B 128 -8.50 15.42 -22.68
N GLN B 129 -7.74 15.63 -21.62
CA GLN B 129 -8.22 15.38 -20.25
C GLN B 129 -8.57 16.70 -19.57
N GLU B 130 -9.45 16.63 -18.59
CA GLU B 130 -9.57 17.72 -17.63
C GLU B 130 -8.30 17.76 -16.76
N LEU B 131 -7.91 18.96 -16.34
CA LEU B 131 -6.76 19.13 -15.46
C LEU B 131 -7.04 18.49 -14.11
N HIS B 132 -6.07 17.74 -13.59
CA HIS B 132 -6.21 16.98 -12.36
C HIS B 132 -4.85 16.88 -11.65
N ARG B 133 -4.87 16.53 -10.37
CA ARG B 133 -3.65 16.22 -9.61
C ARG B 133 -3.54 14.72 -9.48
N GLU B 134 -2.36 14.18 -9.71
CA GLU B 134 -2.18 12.73 -9.74
C GLU B 134 -2.39 12.10 -8.37
N HIS B 135 -2.13 12.84 -7.28
CA HIS B 135 -2.32 12.30 -5.91
C HIS B 135 -3.79 12.05 -5.51
N ASP B 136 -4.73 12.49 -6.34
CA ASP B 136 -6.14 12.17 -6.09
C ASP B 136 -6.51 10.70 -6.29
N GLY B 137 -5.57 9.88 -6.78
CA GLY B 137 -5.69 8.42 -6.71
C GLY B 137 -5.57 7.83 -5.32
N ILE B 138 -5.08 8.60 -4.35
CA ILE B 138 -4.93 8.16 -2.96
C ILE B 138 -5.86 8.96 -2.07
N PRO B 139 -6.85 8.30 -1.40
CA PRO B 139 -7.87 9.09 -0.68
C PRO B 139 -7.37 10.03 0.44
N ILE B 140 -6.42 9.59 1.26
CA ILE B 140 -5.84 10.46 2.29
C ILE B 140 -5.19 11.72 1.69
N CYS B 141 -4.58 11.63 0.51
CA CYS B 141 -3.99 12.79 -0.14
C CYS B 141 -5.03 13.79 -0.68
N THR B 142 -6.16 13.28 -1.15
CA THR B 142 -7.29 14.11 -1.57
C THR B 142 -7.85 14.90 -0.39
N THR B 143 -7.94 14.24 0.77
CA THR B 143 -8.45 14.88 1.98
C THR B 143 -7.54 16.01 2.47
N LEU B 144 -6.24 15.77 2.44
CA LEU B 144 -5.22 16.73 2.88
C LEU B 144 -4.97 17.88 1.91
N GLY B 145 -5.10 17.65 0.61
CA GLY B 145 -4.89 18.70 -0.38
C GLY B 145 -3.45 19.20 -0.37
N ARG B 146 -3.27 20.52 -0.26
CA ARG B 146 -1.95 21.11 -0.19
C ARG B 146 -1.11 20.58 0.97
N GLN B 147 -1.74 20.28 2.10
CA GLN B 147 -1.03 19.79 3.28
C GLN B 147 -0.56 18.34 3.17
N SER B 148 -0.89 17.67 2.08
CA SER B 148 -0.47 16.31 1.87
C SER B 148 1.05 16.18 1.77
N PRO B 149 1.60 15.09 2.32
CA PRO B 149 2.99 14.79 2.00
C PRO B 149 3.10 14.38 0.54
N GLU B 150 4.31 14.48 0.00
CA GLU B 150 4.59 14.09 -1.36
C GLU B 150 4.38 12.59 -1.44
N SER B 151 3.59 12.17 -2.43
CA SER B 151 3.20 10.76 -2.62
C SER B 151 3.59 10.20 -3.98
N MET B 152 3.61 11.05 -5.01
CA MET B 152 3.87 10.60 -6.35
C MET B 152 4.83 11.53 -7.09
N LEU B 153 5.58 10.94 -8.01
CA LEU B 153 6.44 11.67 -8.93
C LEU B 153 6.27 11.05 -10.31
N ASN B 154 5.82 11.84 -11.27
CA ASN B 154 5.57 11.37 -12.66
C ASN B 154 6.66 11.81 -13.63
N PHE B 155 7.40 10.85 -14.16
CA PHE B 155 8.36 11.11 -15.23
C PHE B 155 7.64 10.79 -16.52
N LEU B 156 7.16 11.80 -17.22
CA LEU B 156 6.35 11.58 -18.42
C LEU B 156 7.17 11.86 -19.66
N THR B 157 7.62 10.79 -20.31
CA THR B 157 8.56 10.90 -21.41
C THR B 157 7.82 10.96 -22.75
N ALA B 158 8.24 11.89 -23.61
CA ALA B 158 7.76 11.96 -24.98
C ALA B 158 8.43 10.87 -25.83
N LEU B 159 7.61 10.00 -26.42
CA LEU B 159 8.10 8.95 -27.31
C LEU B 159 7.92 9.28 -28.78
N THR B 160 7.13 10.32 -29.07
CA THR B 160 7.10 11.00 -30.36
C THR B 160 7.29 12.48 -30.06
N ASP B 161 7.32 13.32 -31.10
CA ASP B 161 7.31 14.78 -30.89
C ASP B 161 6.08 15.13 -30.07
N PHE B 162 6.26 16.09 -29.15
CA PHE B 162 5.20 16.62 -28.31
C PHE B 162 5.03 18.07 -28.73
N THR B 163 3.86 18.42 -29.27
CA THR B 163 3.56 19.78 -29.77
C THR B 163 2.28 20.32 -29.12
N ALA B 164 2.16 21.64 -29.10
CA ALA B 164 0.92 22.26 -28.62
C ALA B 164 -0.27 21.58 -29.30
N GLU B 165 -0.21 21.51 -30.63
CA GLU B 165 -1.28 21.01 -31.47
C GLU B 165 -1.57 19.51 -31.36
N ASN B 166 -0.54 18.69 -31.18
CA ASN B 166 -0.73 17.23 -31.17
C ASN B 166 -1.06 16.63 -29.81
N GLY B 167 -1.26 17.46 -28.79
CA GLY B 167 -1.73 17.01 -27.49
C GLY B 167 -0.70 16.93 -26.39
N ALA B 168 0.43 17.64 -26.54
CA ALA B 168 1.44 17.69 -25.48
C ALA B 168 0.80 17.98 -24.12
N THR B 169 1.24 17.24 -23.12
CA THR B 169 0.73 17.31 -21.77
C THR B 169 0.74 18.75 -21.28
N ARG B 170 -0.38 19.19 -20.70
CA ARG B 170 -0.54 20.58 -20.27
C ARG B 170 -0.37 20.67 -18.76
N VAL B 171 0.29 21.72 -18.28
CA VAL B 171 0.66 21.81 -16.86
C VAL B 171 0.50 23.23 -16.40
N LEU B 172 0.19 23.40 -15.12
CA LEU B 172 0.14 24.71 -14.48
C LEU B 172 1.27 24.77 -13.44
N PRO B 173 2.42 25.34 -13.81
CA PRO B 173 3.51 25.55 -12.84
C PRO B 173 3.04 26.40 -11.67
N GLY B 174 3.35 25.98 -10.45
CA GLY B 174 2.93 26.70 -9.23
C GLY B 174 1.65 26.17 -8.59
N SER B 175 0.90 25.31 -9.29
CA SER B 175 -0.38 24.78 -8.77
C SER B 175 -0.21 23.84 -7.55
N HIS B 176 0.96 23.22 -7.43
CA HIS B 176 1.33 22.50 -6.21
C HIS B 176 1.35 23.32 -4.90
N LEU B 177 1.28 24.65 -5.00
CA LEU B 177 1.32 25.55 -3.85
C LEU B 177 0.04 26.34 -3.61
N TRP B 178 -0.95 26.16 -4.48
CA TRP B 178 -2.25 26.82 -4.31
C TRP B 178 -2.90 26.36 -3.00
N GLU B 179 -3.64 27.26 -2.37
CA GLU B 179 -4.18 27.00 -1.04
C GLU B 179 -5.23 25.88 -1.07
N ASP B 180 -6.19 25.99 -1.99
CA ASP B 180 -7.36 25.10 -2.03
C ASP B 180 -7.29 24.10 -3.21
N PHE B 181 -6.93 22.86 -2.91
CA PHE B 181 -6.84 21.82 -3.95
C PHE B 181 -8.21 21.29 -4.42
N SER B 182 -9.27 21.56 -3.65
CA SER B 182 -10.61 21.13 -4.03
C SER B 182 -11.33 22.14 -4.91
N ALA B 183 -10.77 23.33 -5.09
CA ALA B 183 -11.37 24.34 -5.97
C ALA B 183 -11.38 23.81 -7.42
N PRO B 184 -12.47 24.07 -8.18
CA PRO B 184 -12.55 23.47 -9.52
C PRO B 184 -11.44 24.00 -10.46
N PRO B 185 -10.69 23.10 -11.12
CA PRO B 185 -9.52 23.58 -11.85
C PRO B 185 -9.89 24.39 -13.09
N PRO B 186 -8.94 25.19 -13.59
CA PRO B 186 -9.23 25.94 -14.81
C PRO B 186 -9.34 25.05 -16.07
N LYS B 187 -9.71 25.65 -17.20
CA LYS B 187 -9.80 24.94 -18.47
C LYS B 187 -8.40 24.51 -18.93
N ALA B 188 -8.32 23.33 -19.52
CA ALA B 188 -7.05 22.77 -19.95
C ALA B 188 -6.31 23.67 -20.94
N ASP B 189 -7.06 24.41 -21.76
CA ASP B 189 -6.45 25.32 -22.74
C ASP B 189 -5.80 26.58 -22.16
N THR B 190 -5.99 26.86 -20.87
CA THR B 190 -5.22 27.92 -20.19
C THR B 190 -3.84 27.44 -19.73
N ALA B 191 -3.64 26.11 -19.69
CA ALA B 191 -2.39 25.52 -19.20
C ALA B 191 -1.32 25.46 -20.29
N ILE B 192 -0.07 25.25 -19.88
CA ILE B 192 1.08 25.33 -20.77
C ILE B 192 1.42 23.93 -21.29
N PRO B 193 1.46 23.76 -22.62
CA PRO B 193 1.82 22.44 -23.12
C PRO B 193 3.32 22.19 -23.01
N ALA B 194 3.71 20.96 -22.67
CA ALA B 194 5.12 20.60 -22.57
C ALA B 194 5.64 20.22 -23.96
N VAL B 195 6.02 21.24 -24.72
CA VAL B 195 6.59 21.03 -26.05
C VAL B 195 7.98 20.40 -25.90
N MET B 196 8.20 19.26 -26.57
CA MET B 196 9.32 18.39 -26.26
C MET B 196 9.69 17.51 -27.44
N ASN B 197 10.97 17.17 -27.56
CA ASN B 197 11.44 16.20 -28.56
C ASN B 197 11.37 14.80 -27.94
N PRO B 198 11.43 13.73 -28.77
CA PRO B 198 11.46 12.39 -28.20
C PRO B 198 12.60 12.19 -27.24
N GLY B 199 12.32 11.60 -26.07
CA GLY B 199 13.32 11.41 -25.04
C GLY B 199 13.31 12.46 -23.95
N ASP B 200 12.87 13.68 -24.27
CA ASP B 200 12.61 14.70 -23.25
C ASP B 200 11.44 14.20 -22.41
N ALA B 201 11.43 14.58 -21.13
CA ALA B 201 10.38 14.15 -20.22
C ALA B 201 9.88 15.34 -19.46
N VAL B 202 8.57 15.40 -19.22
CA VAL B 202 8.03 16.42 -18.34
C VAL B 202 7.86 15.75 -16.97
N LEU B 203 8.44 16.38 -15.95
CA LEU B 203 8.51 15.82 -14.59
C LEU B 203 7.61 16.64 -13.67
N PHE B 204 6.63 16.00 -13.02
CA PHE B 204 5.76 16.69 -12.06
C PHE B 204 5.37 15.84 -10.87
N THR B 205 5.14 16.50 -9.73
CA THR B 205 4.69 15.81 -8.53
C THR B 205 3.21 15.53 -8.64
N GLY B 206 2.71 14.69 -7.73
CA GLY B 206 1.29 14.40 -7.63
C GLY B 206 0.41 15.57 -7.20
N LYS B 207 1.01 16.72 -6.90
CA LYS B 207 0.29 17.90 -6.43
C LYS B 207 0.11 18.94 -7.50
N THR B 208 0.66 18.70 -8.70
CA THR B 208 0.64 19.69 -9.76
C THR B 208 -0.47 19.37 -10.76
N LEU B 209 -1.28 20.39 -11.07
CA LEU B 209 -2.37 20.25 -12.03
C LEU B 209 -1.82 20.04 -13.42
N HIS B 210 -2.33 19.01 -14.09
CA HIS B 210 -1.89 18.65 -15.42
C HIS B 210 -2.99 17.86 -16.13
N GLY B 211 -2.83 17.68 -17.44
CA GLY B 211 -3.66 16.74 -18.20
C GLY B 211 -3.18 16.61 -19.64
N ALA B 212 -3.47 15.45 -20.24
CA ALA B 212 -3.15 15.20 -21.66
C ALA B 212 -3.91 16.22 -22.48
N GLY B 213 -3.24 16.77 -23.50
CA GLY B 213 -3.81 17.85 -24.30
C GLY B 213 -4.72 17.32 -25.38
N LYS B 214 -5.44 18.25 -26.02
CA LYS B 214 -6.25 17.96 -27.20
C LYS B 214 -5.32 17.68 -28.39
N ASN B 215 -5.54 16.57 -29.10
CA ASN B 215 -4.82 16.26 -30.33
C ASN B 215 -5.62 16.81 -31.53
N ASN B 216 -5.26 18.03 -31.96
CA ASN B 216 -5.94 18.73 -33.07
C ASN B 216 -5.41 18.39 -34.45
N THR B 217 -4.49 17.44 -34.58
CA THR B 217 -3.94 17.07 -35.89
C THR B 217 -4.88 16.11 -36.57
N THR B 218 -4.70 15.90 -37.87
CA THR B 218 -5.47 14.92 -38.63
C THR B 218 -4.77 13.58 -38.76
N ASP B 219 -3.45 13.55 -38.54
CA ASP B 219 -2.64 12.38 -38.89
C ASP B 219 -1.47 12.02 -37.93
N PHE B 220 -1.38 12.63 -36.75
CA PHE B 220 -0.27 12.39 -35.84
C PHE B 220 -0.71 11.63 -34.58
N LEU B 221 -0.12 10.45 -34.36
CA LEU B 221 -0.33 9.67 -33.14
C LEU B 221 0.72 10.10 -32.14
N ARG B 222 0.27 10.74 -31.06
CA ARG B 222 1.15 11.35 -30.06
C ARG B 222 1.34 10.32 -28.94
N ARG B 223 2.56 9.82 -28.77
CA ARG B 223 2.83 8.75 -27.81
C ARG B 223 3.60 9.29 -26.61
N GLY B 224 2.98 9.22 -25.44
CA GLY B 224 3.61 9.61 -24.16
C GLY B 224 3.88 8.40 -23.31
N PHE B 225 4.75 8.57 -22.30
CA PHE B 225 5.20 7.46 -21.45
C PHE B 225 5.25 7.91 -19.99
N PRO B 226 4.09 7.92 -19.31
CA PRO B 226 4.08 8.23 -17.88
C PRO B 226 4.70 7.12 -17.07
N LEU B 227 5.59 7.47 -16.17
CA LEU B 227 6.20 6.53 -15.26
C LEU B 227 6.09 7.17 -13.89
N ILE B 228 5.26 6.57 -13.03
CA ILE B 228 4.92 7.20 -11.77
C ILE B 228 5.52 6.44 -10.60
N MET B 229 6.43 7.09 -9.88
CA MET B 229 6.99 6.55 -8.64
C MET B 229 6.19 7.08 -7.47
N GLN B 230 6.16 6.30 -6.41
CA GLN B 230 5.30 6.57 -5.29
C GLN B 230 5.96 6.19 -3.96
N SER B 231 5.63 6.96 -2.94
CA SER B 231 5.94 6.64 -1.54
C SER B 231 5.55 5.19 -1.18
N CYS B 232 6.48 4.43 -0.60
CA CYS B 232 6.26 3.01 -0.37
C CYS B 232 5.11 2.65 0.59
N GLN B 233 4.71 3.60 1.45
CA GLN B 233 3.57 3.40 2.36
C GLN B 233 2.22 3.26 1.63
N PHE B 234 2.14 3.74 0.38
CA PHE B 234 0.92 3.64 -0.43
C PHE B 234 0.94 2.49 -1.43
N THR B 235 -0.18 1.75 -1.46
CA THR B 235 -0.36 0.61 -2.33
C THR B 235 -0.20 1.02 -3.80
N PRO B 236 0.61 0.25 -4.57
CA PRO B 236 0.71 0.49 -5.99
C PRO B 236 -0.59 0.28 -6.80
N VAL B 237 -0.80 1.09 -7.83
CA VAL B 237 -1.89 0.88 -8.76
C VAL B 237 -1.72 -0.44 -9.54
N GLU B 238 -0.49 -0.78 -9.89
CA GLU B 238 -0.17 -2.02 -10.60
C GLU B 238 0.33 -3.09 -9.66
N ALA B 239 -0.32 -4.26 -9.69
CA ALA B 239 -0.03 -5.35 -8.75
C ALA B 239 1.23 -6.09 -9.15
N SER B 240 2.10 -6.31 -8.18
CA SER B 240 3.35 -7.04 -8.40
C SER B 240 3.12 -8.57 -8.50
N VAL B 241 1.99 -9.07 -8.00
CA VAL B 241 1.63 -10.49 -8.18
C VAL B 241 1.34 -10.89 -9.64
N ALA B 242 1.14 -9.94 -10.54
CA ALA B 242 1.01 -10.23 -11.98
C ALA B 242 2.32 -10.66 -12.64
N LEU B 243 3.47 -10.32 -12.03
CA LEU B 243 4.77 -10.64 -12.60
C LEU B 243 5.12 -12.08 -12.23
N PRO B 244 5.48 -12.92 -13.24
CA PRO B 244 6.00 -14.24 -12.87
C PRO B 244 7.37 -14.12 -12.20
N ARG B 245 7.62 -15.01 -11.24
CA ARG B 245 8.90 -15.04 -10.54
C ARG B 245 10.10 -15.14 -11.51
N GLU B 246 9.99 -16.03 -12.50
CA GLU B 246 11.03 -16.24 -13.52
C GLU B 246 11.52 -14.91 -14.16
N LEU B 247 10.58 -14.02 -14.48
CA LEU B 247 10.92 -12.73 -15.08
C LEU B 247 11.57 -11.77 -14.07
N VAL B 248 11.03 -11.73 -12.86
CA VAL B 248 11.56 -10.87 -11.80
C VAL B 248 13.03 -11.21 -11.50
N GLU B 249 13.37 -12.49 -11.53
CA GLU B 249 14.74 -12.94 -11.27
C GLU B 249 15.79 -12.58 -12.34
N THR B 250 15.35 -12.03 -13.48
CA THR B 250 16.27 -11.44 -14.47
C THR B 250 16.71 -9.99 -14.16
N MET B 251 16.09 -9.34 -13.17
CA MET B 251 16.32 -7.92 -12.91
C MET B 251 17.36 -7.73 -11.79
N THR B 252 17.87 -6.51 -11.66
CA THR B 252 18.78 -6.16 -10.59
C THR B 252 17.96 -6.05 -9.30
N PRO B 253 18.60 -6.27 -8.13
CA PRO B 253 17.92 -6.07 -6.84
C PRO B 253 17.14 -4.76 -6.72
N LEU B 254 17.73 -3.66 -7.20
CA LEU B 254 17.10 -2.34 -7.13
C LEU B 254 15.85 -2.27 -8.00
N ALA B 255 15.93 -2.81 -9.21
CA ALA B 255 14.76 -2.89 -10.09
C ALA B 255 13.68 -3.80 -9.50
N GLN B 256 14.09 -4.92 -8.91
CA GLN B 256 13.14 -5.83 -8.21
C GLN B 256 12.36 -5.10 -7.12
N LYS B 257 13.06 -4.24 -6.38
CA LYS B 257 12.45 -3.46 -5.31
C LYS B 257 11.42 -2.46 -5.83
N MET B 258 11.70 -1.86 -6.99
CA MET B 258 10.76 -0.93 -7.62
C MET B 258 9.45 -1.60 -8.05
N VAL B 259 9.56 -2.81 -8.58
CA VAL B 259 8.37 -3.52 -9.09
C VAL B 259 7.65 -4.40 -8.06
N GLY B 260 7.95 -4.21 -6.77
CA GLY B 260 7.16 -4.84 -5.72
C GLY B 260 7.51 -6.26 -5.33
N TRP B 261 8.77 -6.66 -5.49
CA TRP B 261 9.24 -7.98 -5.03
C TRP B 261 10.32 -7.95 -3.93
N ARG B 262 10.57 -6.80 -3.32
CA ARG B 262 11.46 -6.72 -2.14
C ARG B 262 10.85 -5.86 -1.05
N THR B 263 11.42 -6.00 0.14
CA THR B 263 11.00 -5.26 1.30
C THR B 263 11.43 -3.80 1.15
N VAL B 264 10.54 -2.91 1.59
CA VAL B 264 10.74 -1.46 1.51
C VAL B 264 10.59 -0.91 2.92
N SER B 265 11.34 0.14 3.23
CA SER B 265 11.32 0.76 4.56
C SER B 265 10.49 2.04 4.57
N ALA B 266 9.44 2.05 5.38
CA ALA B 266 8.60 3.23 5.56
C ALA B 266 9.09 3.93 6.81
N LYS B 267 9.95 4.95 6.65
CA LYS B 267 10.65 5.62 7.77
C LYS B 267 11.10 4.66 8.87
N GLY B 268 11.83 3.62 8.48
CA GLY B 268 12.36 2.66 9.45
C GLY B 268 11.50 1.45 9.71
N VAL B 269 10.27 1.44 9.19
CA VAL B 269 9.32 0.36 9.35
C VAL B 269 9.48 -0.52 8.12
N ASP B 270 9.85 -1.78 8.31
CA ASP B 270 9.93 -2.70 7.18
C ASP B 270 8.54 -3.14 6.83
N ILE B 271 8.14 -2.95 5.58
CA ILE B 271 6.87 -3.46 5.07
C ILE B 271 7.09 -4.21 3.76
N TRP B 272 6.08 -4.98 3.36
CA TRP B 272 6.17 -5.93 2.25
C TRP B 272 7.24 -7.00 2.58
N THR B 273 6.97 -7.73 3.65
CA THR B 273 7.88 -8.69 4.23
C THR B 273 7.38 -10.12 4.07
N TYR B 274 8.29 -11.07 4.31
CA TYR B 274 7.93 -12.46 4.53
C TYR B 274 8.18 -12.75 6.00
N ASP B 275 7.13 -13.13 6.71
CA ASP B 275 7.19 -13.45 8.13
C ASP B 275 7.71 -12.26 8.96
N LEU B 276 7.42 -11.03 8.52
CA LEU B 276 7.92 -9.79 9.12
C LEU B 276 9.45 -9.52 8.93
N LYS B 277 10.15 -10.45 8.30
CA LYS B 277 11.58 -10.33 8.02
C LYS B 277 11.71 -10.02 6.51
N ASP B 278 12.95 -9.84 6.06
CA ASP B 278 13.28 -9.49 4.66
C ASP B 278 12.63 -10.46 3.66
N LEU B 279 12.01 -9.91 2.61
CA LEU B 279 11.21 -10.72 1.67
C LEU B 279 12.10 -11.59 0.78
N ALA B 280 13.10 -10.96 0.18
CA ALA B 280 14.03 -11.64 -0.73
C ALA B 280 14.76 -12.82 -0.08
N THR B 281 15.16 -12.67 1.19
CA THR B 281 15.78 -13.75 1.96
C THR B 281 14.78 -14.89 2.18
N GLY B 282 13.58 -14.53 2.61
CA GLY B 282 12.56 -15.49 3.02
C GLY B 282 12.08 -16.40 1.92
N ILE B 283 11.94 -15.85 0.72
CA ILE B 283 11.49 -16.60 -0.47
C ILE B 283 12.65 -17.08 -1.36
N ASP B 284 13.89 -16.78 -0.97
CA ASP B 284 15.12 -17.23 -1.66
C ASP B 284 15.25 -16.60 -3.06
N LEU B 285 14.91 -15.31 -3.15
CA LEU B 285 14.79 -14.61 -4.44
C LEU B 285 16.15 -14.41 -5.11
N LYS B 286 16.25 -14.85 -6.37
CA LYS B 286 17.47 -14.68 -7.15
C LYS B 286 17.40 -13.38 -7.93
N SER B 287 18.53 -12.95 -8.48
CA SER B 287 18.61 -11.69 -9.23
C SER B 287 19.70 -11.71 -10.31
N ASN B 288 19.57 -10.80 -11.28
CA ASN B 288 20.36 -10.77 -12.52
C ASN B 288 20.18 -12.03 -13.39
#